data_8BTQ
#
_entry.id   8BTQ
#
_cell.length_a   81.979
_cell.length_b   111.932
_cell.length_c   62.339
_cell.angle_alpha   90.00
_cell.angle_beta   90.00
_cell.angle_gamma   90.00
#
_symmetry.space_group_name_H-M   'C 2 2 21'
#
loop_
_entity.id
_entity.type
_entity.pdbx_description
1 polymer '14-3-3 protein sigma'
2 polymer 'Carbohydrate-responsive element-binding protein'
3 non-polymer 'MAGNESIUM ION'
4 non-polymer '[2-[2-oxidanylidene-2-(2-phenylethylamino)ethoxy]phenyl]phosphonic acid'
5 water water
#
loop_
_entity_poly.entity_id
_entity_poly.type
_entity_poly.pdbx_seq_one_letter_code
_entity_poly.pdbx_strand_id
1 'polypeptide(L)'
;GAMGSMERASLIQKAKLAEQAERYEDMAAFMKGAVEKGEELSCEERNLLSVAYKNVVGGQRAAWRVLSSIEQKSNEEGSE
EKGPEVREYREKVETELQGVCDTVLGLLDSHLIKEAGDAESRVFYLKMKGDYYRYLAEVATGDDKKRIIDSARSAYQEAM
DISKKEMPPTNPIRLGLALNFSVFHYEIANSPEEAISLAKTTFDEAMADLHTLSEDSYKDSTLIMQLLRDNLTLWT
;
A
2 'polypeptide(L)' RDKIRLNNAIWRAWYIQYV B
#
loop_
_chem_comp.id
_chem_comp.type
_chem_comp.name
_chem_comp.formula
MG non-polymer 'MAGNESIUM ION' 'Mg 2'
OQE non-polymer '[2-[2-oxidanylidene-2-(2-phenylethylamino)ethoxy]phenyl]phosphonic acid' 'C16 H18 N O5 P'
#
# COMPACT_ATOMS: atom_id res chain seq x y z
N GLY A 1 8.58 16.32 -17.62
CA GLY A 1 8.16 14.93 -17.74
C GLY A 1 7.66 14.61 -19.14
N ALA A 2 7.85 13.34 -19.55
CA ALA A 2 7.51 12.87 -20.87
C ALA A 2 6.00 12.88 -21.13
N MET A 3 5.17 12.93 -20.09
CA MET A 3 3.74 13.05 -20.27
C MET A 3 3.26 14.50 -20.30
N GLY A 4 4.20 15.46 -20.28
CA GLY A 4 3.85 16.86 -20.17
C GLY A 4 3.01 17.40 -21.34
N SER A 5 3.16 16.78 -22.50
CA SER A 5 2.42 17.20 -23.68
C SER A 5 1.07 16.52 -23.86
N MET A 6 0.74 15.56 -23.00
CA MET A 6 -0.51 14.84 -23.16
C MET A 6 -1.60 15.43 -22.29
N GLU A 7 -2.80 15.58 -22.87
CA GLU A 7 -3.94 16.03 -22.08
C GLU A 7 -4.19 15.19 -20.82
N ARG A 8 -4.58 15.86 -19.74
CA ARG A 8 -4.92 15.16 -18.52
C ARG A 8 -5.98 14.08 -18.77
N ALA A 9 -7.03 14.39 -19.54
CA ALA A 9 -8.10 13.41 -19.74
C ALA A 9 -7.57 12.19 -20.51
N SER A 10 -6.67 12.44 -21.45
CA SER A 10 -6.06 11.38 -22.26
C SER A 10 -5.17 10.48 -21.41
N LEU A 11 -4.47 11.06 -20.46
CA LEU A 11 -3.66 10.29 -19.51
C LEU A 11 -4.55 9.37 -18.67
N ILE A 12 -5.67 9.89 -18.15
CA ILE A 12 -6.56 9.07 -17.33
C ILE A 12 -7.16 7.95 -18.18
N GLN A 13 -7.56 8.28 -19.41
CA GLN A 13 -8.13 7.30 -20.32
C GLN A 13 -7.12 6.18 -20.56
N LYS A 14 -5.87 6.57 -20.82
CA LYS A 14 -4.84 5.57 -21.10
C LYS A 14 -4.46 4.78 -19.86
N ALA A 15 -4.55 5.39 -18.67
CA ALA A 15 -4.32 4.64 -17.44
C ALA A 15 -5.35 3.50 -17.33
N LYS A 16 -6.61 3.80 -17.68
CA LYS A 16 -7.63 2.75 -17.63
C LYS A 16 -7.36 1.66 -18.67
N LEU A 17 -6.91 2.04 -19.86
CA LEU A 17 -6.55 1.06 -20.89
C LEU A 17 -5.39 0.18 -20.41
N ALA A 18 -4.37 0.81 -19.85
CA ALA A 18 -3.22 0.09 -19.31
C ALA A 18 -3.66 -0.87 -18.21
N GLU A 19 -4.59 -0.46 -17.34
CA GLU A 19 -5.08 -1.35 -16.31
C GLU A 19 -5.72 -2.60 -16.94
N GLN A 20 -6.58 -2.40 -17.94
CA GLN A 20 -7.23 -3.50 -18.63
C GLN A 20 -6.21 -4.45 -19.26
N ALA A 21 -5.11 -3.89 -19.76
CA ALA A 21 -4.04 -4.68 -20.37
C ALA A 21 -3.02 -5.22 -19.38
N GLU A 22 -3.24 -4.99 -18.08
CA GLU A 22 -2.28 -5.30 -17.02
C GLU A 22 -0.87 -4.80 -17.35
N ARG A 23 -0.80 -3.57 -17.89
CA ARG A 23 0.43 -2.89 -18.19
C ARG A 23 0.65 -1.86 -17.09
N TYR A 24 1.06 -2.33 -15.91
CA TYR A 24 1.04 -1.48 -14.73
C TYR A 24 2.12 -0.40 -14.71
N GLU A 25 3.28 -0.70 -15.31
CA GLU A 25 4.30 0.33 -15.47
C GLU A 25 3.76 1.49 -16.30
N ASP A 26 3.13 1.19 -17.44
CA ASP A 26 2.51 2.25 -18.22
C ASP A 26 1.44 2.98 -17.42
N MET A 27 0.60 2.22 -16.72
CA MET A 27 -0.48 2.80 -15.94
C MET A 27 0.09 3.82 -14.95
N ALA A 28 1.16 3.45 -14.27
CA ALA A 28 1.79 4.32 -13.30
C ALA A 28 2.38 5.57 -13.96
N ALA A 29 3.04 5.41 -15.11
CA ALA A 29 3.56 6.58 -15.82
C ALA A 29 2.46 7.53 -16.26
N PHE A 30 1.32 6.99 -16.73
CA PHE A 30 0.19 7.84 -17.09
C PHE A 30 -0.36 8.59 -15.87
N MET A 31 -0.52 7.88 -14.75
CA MET A 31 -1.06 8.51 -13.55
C MET A 31 -0.09 9.54 -12.96
N LYS A 32 1.22 9.26 -13.04
CA LYS A 32 2.21 10.25 -12.62
C LYS A 32 2.05 11.52 -13.46
N GLY A 33 1.90 11.34 -14.80
CA GLY A 33 1.66 12.45 -15.68
C GLY A 33 0.42 13.24 -15.26
N ALA A 34 -0.66 12.51 -14.92
CA ALA A 34 -1.90 13.14 -14.50
C ALA A 34 -1.72 13.94 -13.20
N VAL A 35 -1.06 13.36 -12.22
CA VAL A 35 -0.80 14.07 -10.98
C VAL A 35 -0.01 15.35 -11.27
N GLU A 36 0.99 15.24 -12.16
CA GLU A 36 1.85 16.39 -12.45
C GLU A 36 1.16 17.52 -13.21
N LYS A 37 -0.08 17.32 -13.65
CA LYS A 37 -0.87 18.44 -14.16
C LYS A 37 -1.27 19.45 -13.09
N GLY A 38 -1.19 19.04 -11.81
CA GLY A 38 -1.29 19.98 -10.70
C GLY A 38 -2.69 20.05 -10.08
N GLU A 39 -3.67 19.42 -10.72
CA GLU A 39 -5.01 19.44 -10.19
C GLU A 39 -5.24 18.29 -9.23
N GLU A 40 -6.24 18.47 -8.35
CA GLU A 40 -6.61 17.39 -7.43
C GLU A 40 -7.12 16.20 -8.24
N LEU A 41 -7.10 15.04 -7.57
CA LEU A 41 -7.57 13.80 -8.18
C LEU A 41 -8.93 13.45 -7.60
N SER A 42 -9.82 12.98 -8.47
CA SER A 42 -11.11 12.50 -8.01
C SER A 42 -10.94 11.14 -7.34
N CYS A 43 -12.02 10.62 -6.73
CA CYS A 43 -11.96 9.31 -6.11
C CYS A 43 -11.50 8.22 -7.08
N GLU A 44 -12.10 8.18 -8.27
CA GLU A 44 -11.71 7.18 -9.24
C GLU A 44 -10.25 7.32 -9.63
N GLU A 45 -9.78 8.56 -9.79
CA GLU A 45 -8.39 8.80 -10.19
C GLU A 45 -7.41 8.41 -9.08
N ARG A 46 -7.78 8.68 -7.84
CA ARG A 46 -6.94 8.28 -6.72
C ARG A 46 -6.77 6.77 -6.74
N ASN A 47 -7.88 6.05 -6.97
CA ASN A 47 -7.80 4.59 -7.04
C ASN A 47 -6.90 4.14 -8.20
N LEU A 48 -6.96 4.80 -9.36
CA LEU A 48 -6.09 4.42 -10.46
C LEU A 48 -4.62 4.59 -10.06
N LEU A 49 -4.31 5.70 -9.38
CA LEU A 49 -2.95 5.97 -8.94
C LEU A 49 -2.44 4.85 -8.03
N SER A 50 -3.28 4.49 -7.04
CA SER A 50 -2.92 3.44 -6.11
C SER A 50 -2.78 2.09 -6.78
N VAL A 51 -3.74 1.71 -7.64
CA VAL A 51 -3.68 0.40 -8.30
C VAL A 51 -2.38 0.31 -9.09
N ALA A 52 -2.03 1.40 -9.79
CA ALA A 52 -0.87 1.35 -10.68
C ALA A 52 0.40 1.07 -9.86
N TYR A 53 0.65 1.89 -8.87
CA TYR A 53 1.90 1.80 -8.14
C TYR A 53 1.92 0.59 -7.20
N LYS A 54 0.77 0.18 -6.68
CA LYS A 54 0.74 -0.99 -5.82
C LYS A 54 1.17 -2.21 -6.62
N ASN A 55 0.72 -2.30 -7.87
CA ASN A 55 1.06 -3.43 -8.73
C ASN A 55 2.52 -3.38 -9.16
N VAL A 56 3.03 -2.18 -9.50
CA VAL A 56 4.44 -2.06 -9.85
C VAL A 56 5.34 -2.48 -8.68
N VAL A 57 5.10 -1.89 -7.51
CA VAL A 57 5.95 -2.21 -6.36
C VAL A 57 5.68 -3.62 -5.88
N GLY A 58 4.46 -4.14 -6.04
CA GLY A 58 4.20 -5.52 -5.72
C GLY A 58 5.09 -6.50 -6.49
N GLY A 59 5.23 -6.27 -7.80
CA GLY A 59 6.15 -7.06 -8.60
C GLY A 59 7.59 -6.96 -8.12
N GLN A 60 8.01 -5.74 -7.77
CA GLN A 60 9.39 -5.54 -7.33
C GLN A 60 9.63 -6.26 -6.00
N ARG A 61 8.68 -6.12 -5.06
CA ARG A 61 8.78 -6.80 -3.78
C ARG A 61 8.84 -8.32 -3.95
N ALA A 62 8.01 -8.85 -4.84
CA ALA A 62 7.97 -10.29 -5.03
C ALA A 62 9.33 -10.75 -5.55
N ALA A 63 9.91 -10.00 -6.50
CA ALA A 63 11.20 -10.39 -7.04
C ALA A 63 12.28 -10.27 -5.97
N TRP A 64 12.22 -9.19 -5.18
CA TRP A 64 13.20 -8.98 -4.12
C TRP A 64 13.16 -10.15 -3.13
N ARG A 65 11.95 -10.63 -2.83
CA ARG A 65 11.79 -11.73 -1.90
C ARG A 65 12.42 -13.01 -2.43
N VAL A 66 12.22 -13.28 -3.73
CA VAL A 66 12.83 -14.44 -4.37
C VAL A 66 14.35 -14.34 -4.25
N LEU A 67 14.90 -13.16 -4.58
CA LEU A 67 16.35 -13.00 -4.63
C LEU A 67 16.96 -12.96 -3.22
N SER A 68 16.29 -12.28 -2.29
CA SER A 68 16.77 -12.21 -0.91
C SER A 68 16.94 -13.58 -0.30
N SER A 69 15.98 -14.46 -0.56
CA SER A 69 16.04 -15.82 -0.03
C SER A 69 17.20 -16.61 -0.64
N ILE A 70 17.38 -16.48 -1.97
CA ILE A 70 18.54 -17.09 -2.61
C ILE A 70 19.84 -16.57 -1.99
N GLU A 71 19.88 -15.24 -1.73
CA GLU A 71 21.08 -14.58 -1.20
C GLU A 71 21.41 -15.17 0.17
N GLN A 72 20.39 -15.24 1.03
CA GLN A 72 20.59 -15.75 2.38
C GLN A 72 21.03 -17.21 2.35
N LYS A 73 20.56 -17.97 1.35
CA LYS A 73 20.94 -19.37 1.24
C LYS A 73 22.41 -19.57 0.85
N SER A 74 22.99 -18.63 0.09
CA SER A 74 24.41 -18.68 -0.23
C SER A 74 25.28 -18.15 0.92
N GLU A 80 28.32 -22.94 -0.97
CA GLU A 80 29.33 -22.74 -2.01
C GLU A 80 29.41 -21.28 -2.44
N GLU A 81 30.64 -20.74 -2.43
CA GLU A 81 30.89 -19.34 -2.75
C GLU A 81 30.21 -18.95 -4.06
N LYS A 82 29.46 -17.85 -3.99
CA LYS A 82 28.47 -17.49 -4.98
C LYS A 82 29.02 -16.48 -5.99
N GLY A 83 30.16 -15.86 -5.67
CA GLY A 83 30.56 -14.61 -6.30
C GLY A 83 29.61 -13.50 -5.91
N PRO A 84 29.76 -12.26 -6.44
CA PRO A 84 28.96 -11.11 -6.03
C PRO A 84 27.59 -10.97 -6.72
N GLU A 85 27.31 -11.88 -7.66
CA GLU A 85 26.17 -11.70 -8.54
C GLU A 85 24.79 -11.70 -7.91
N VAL A 86 24.54 -12.60 -6.95
CA VAL A 86 23.23 -12.64 -6.33
C VAL A 86 22.98 -11.34 -5.56
N ARG A 87 23.99 -10.93 -4.77
CA ARG A 87 23.91 -9.64 -4.10
C ARG A 87 23.69 -8.48 -5.07
N GLU A 88 24.49 -8.44 -6.14
CA GLU A 88 24.38 -7.37 -7.12
C GLU A 88 22.98 -7.28 -7.70
N TYR A 89 22.43 -8.43 -8.09
CA TYR A 89 21.13 -8.40 -8.75
C TYR A 89 20.04 -8.06 -7.73
N ARG A 90 20.16 -8.60 -6.50
CA ARG A 90 19.23 -8.21 -5.45
C ARG A 90 19.28 -6.70 -5.20
N GLU A 91 20.50 -6.14 -5.18
CA GLU A 91 20.66 -4.71 -5.03
C GLU A 91 20.07 -3.93 -6.20
N LYS A 92 20.21 -4.45 -7.43
CA LYS A 92 19.58 -3.79 -8.57
C LYS A 92 18.07 -3.67 -8.40
N VAL A 93 17.42 -4.78 -8.02
CA VAL A 93 15.99 -4.77 -7.82
C VAL A 93 15.62 -3.85 -6.67
N GLU A 94 16.40 -3.92 -5.59
CA GLU A 94 16.18 -3.09 -4.42
C GLU A 94 16.21 -1.60 -4.79
N THR A 95 17.19 -1.20 -5.59
CA THR A 95 17.37 0.18 -5.98
C THR A 95 16.18 0.62 -6.82
N GLU A 96 15.72 -0.26 -7.71
CA GLU A 96 14.58 0.07 -8.56
C GLU A 96 13.32 0.24 -7.71
N LEU A 97 13.15 -0.67 -6.74
CA LEU A 97 12.03 -0.60 -5.80
C LEU A 97 12.03 0.72 -5.02
N GLN A 98 13.22 1.10 -4.52
CA GLN A 98 13.38 2.34 -3.76
C GLN A 98 13.05 3.52 -4.66
N GLY A 99 13.44 3.43 -5.93
CA GLY A 99 13.14 4.48 -6.88
C GLY A 99 11.64 4.69 -7.08
N VAL A 100 10.88 3.60 -7.17
CA VAL A 100 9.44 3.69 -7.36
C VAL A 100 8.78 4.24 -6.10
N CYS A 101 9.17 3.76 -4.92
CA CYS A 101 8.68 4.30 -3.67
C CYS A 101 8.95 5.81 -3.57
N ASP A 102 10.17 6.21 -3.87
CA ASP A 102 10.52 7.62 -3.81
C ASP A 102 9.68 8.43 -4.80
N THR A 103 9.38 7.88 -5.98
CA THR A 103 8.53 8.58 -6.94
C THR A 103 7.14 8.82 -6.36
N VAL A 104 6.54 7.76 -5.81
CA VAL A 104 5.21 7.85 -5.22
C VAL A 104 5.20 8.86 -4.08
N LEU A 105 6.18 8.73 -3.18
CA LEU A 105 6.30 9.64 -2.06
C LEU A 105 6.43 11.08 -2.56
N GLY A 106 7.18 11.26 -3.64
CA GLY A 106 7.31 12.58 -4.23
C GLY A 106 6.01 13.16 -4.75
N LEU A 107 5.19 12.33 -5.40
CA LEU A 107 3.89 12.77 -5.87
C LEU A 107 3.00 13.16 -4.70
N LEU A 108 3.01 12.33 -3.64
CA LEU A 108 2.17 12.64 -2.50
C LEU A 108 2.61 13.93 -1.80
N ASP A 109 3.91 14.20 -1.83
CA ASP A 109 4.46 15.43 -1.27
C ASP A 109 4.42 16.64 -2.22
N SER A 110 4.00 16.43 -3.47
CA SER A 110 4.04 17.48 -4.48
C SER A 110 2.89 17.40 -5.47
N HIS A 111 1.67 17.76 -5.06
CA HIS A 111 1.31 18.35 -3.77
C HIS A 111 -0.01 17.73 -3.32
N LEU A 112 -0.13 16.40 -3.49
CA LEU A 112 -1.40 15.75 -3.25
C LEU A 112 -1.87 15.87 -1.80
N ILE A 113 -0.98 15.59 -0.85
CA ILE A 113 -1.38 15.65 0.54
C ILE A 113 -1.71 17.09 0.95
N LYS A 114 -0.85 18.02 0.54
CA LYS A 114 -1.04 19.42 0.85
C LYS A 114 -2.44 19.90 0.50
N GLU A 115 -2.93 19.49 -0.68
CA GLU A 115 -4.17 20.05 -1.17
C GLU A 115 -5.40 19.20 -0.79
N ALA A 116 -5.19 18.07 -0.12
CA ALA A 116 -6.27 17.16 0.25
C ALA A 116 -6.91 17.59 1.56
N GLY A 117 -8.14 18.10 1.48
CA GLY A 117 -8.84 18.60 2.65
C GLY A 117 -10.01 17.72 3.10
N ASP A 118 -10.64 17.01 2.16
CA ASP A 118 -11.68 16.07 2.53
C ASP A 118 -11.08 14.82 3.13
N ALA A 119 -11.79 14.21 4.09
CA ALA A 119 -11.26 13.03 4.75
C ALA A 119 -10.95 11.89 3.78
N GLU A 120 -11.82 11.68 2.79
CA GLU A 120 -11.67 10.56 1.86
C GLU A 120 -10.35 10.68 1.10
N SER A 121 -9.95 11.89 0.74
CA SER A 121 -8.70 12.06 0.00
C SER A 121 -7.50 12.09 0.95
N ARG A 122 -7.62 12.84 2.04
CA ARG A 122 -6.48 13.01 2.93
C ARG A 122 -6.08 11.67 3.55
N VAL A 123 -7.08 10.92 4.06
CA VAL A 123 -6.80 9.60 4.60
C VAL A 123 -6.19 8.68 3.53
N PHE A 124 -6.76 8.70 2.32
CA PHE A 124 -6.23 7.88 1.24
C PHE A 124 -4.74 8.11 0.97
N TYR A 125 -4.38 9.38 0.86
CA TYR A 125 -3.01 9.74 0.53
C TYR A 125 -2.08 9.45 1.69
N LEU A 126 -2.51 9.69 2.93
CA LEU A 126 -1.64 9.38 4.06
C LEU A 126 -1.44 7.89 4.25
N LYS A 127 -2.48 7.08 3.96
CA LYS A 127 -2.32 5.63 3.92
C LYS A 127 -1.27 5.24 2.89
N MET A 128 -1.34 5.80 1.69
CA MET A 128 -0.35 5.55 0.66
C MET A 128 1.05 5.91 1.14
N LYS A 129 1.17 7.06 1.81
CA LYS A 129 2.46 7.50 2.33
C LYS A 129 3.01 6.45 3.31
N GLY A 130 2.16 5.99 4.24
CA GLY A 130 2.53 4.92 5.15
C GLY A 130 2.94 3.65 4.41
N ASP A 131 2.19 3.30 3.37
CA ASP A 131 2.49 2.08 2.61
C ASP A 131 3.86 2.12 1.93
N TYR A 132 4.17 3.24 1.28
CA TYR A 132 5.41 3.27 0.51
C TYR A 132 6.61 3.43 1.44
N TYR A 133 6.45 4.08 2.59
CA TYR A 133 7.49 4.01 3.61
C TYR A 133 7.64 2.58 4.17
N ARG A 134 6.53 1.86 4.33
CA ARG A 134 6.56 0.47 4.74
C ARG A 134 7.37 -0.38 3.76
N TYR A 135 7.15 -0.17 2.45
CA TYR A 135 7.91 -0.94 1.48
C TYR A 135 9.40 -0.59 1.54
N LEU A 136 9.72 0.70 1.73
CA LEU A 136 11.10 1.10 1.90
C LEU A 136 11.68 0.44 3.16
N ALA A 137 10.85 0.32 4.21
CA ALA A 137 11.32 -0.29 5.44
C ALA A 137 11.68 -1.77 5.30
N GLU A 138 10.94 -2.49 4.45
CA GLU A 138 11.18 -3.91 4.27
C GLU A 138 12.59 -4.22 3.76
N VAL A 139 13.17 -3.29 2.99
CA VAL A 139 14.50 -3.51 2.42
C VAL A 139 15.60 -2.70 3.10
N ALA A 140 15.23 -1.92 4.12
CA ALA A 140 16.15 -1.06 4.85
C ALA A 140 16.89 -1.81 5.96
N THR A 141 18.06 -1.29 6.32
CA THR A 141 18.81 -1.79 7.46
C THR A 141 19.20 -0.69 8.46
N GLY A 142 19.18 -1.03 9.76
CA GLY A 142 19.83 -0.22 10.78
C GLY A 142 19.15 1.09 11.17
N ASP A 143 19.92 2.19 11.16
CA ASP A 143 19.44 3.50 11.56
C ASP A 143 18.56 4.16 10.51
N ASP A 144 18.93 3.98 9.24
CA ASP A 144 18.05 4.41 8.16
C ASP A 144 16.68 3.75 8.32
N LYS A 145 16.68 2.47 8.71
CA LYS A 145 15.44 1.75 8.90
C LYS A 145 14.59 2.46 9.96
N LYS A 146 15.20 2.91 11.06
CA LYS A 146 14.41 3.47 12.16
C LYS A 146 13.65 4.71 11.71
N ARG A 147 14.32 5.56 10.93
CA ARG A 147 13.71 6.79 10.48
C ARG A 147 12.59 6.51 9.49
N ILE A 148 12.83 5.54 8.59
CA ILE A 148 11.83 5.13 7.63
C ILE A 148 10.60 4.57 8.34
N ILE A 149 10.84 3.67 9.30
CA ILE A 149 9.76 3.12 10.10
C ILE A 149 8.96 4.20 10.80
N ASP A 150 9.64 5.22 11.36
CA ASP A 150 8.89 6.28 12.02
C ASP A 150 8.10 7.15 11.05
N SER A 151 8.63 7.33 9.83
CA SER A 151 7.90 8.02 8.78
C SER A 151 6.64 7.25 8.42
N ALA A 152 6.74 5.93 8.28
CA ALA A 152 5.54 5.15 8.00
C ALA A 152 4.50 5.28 9.12
N ARG A 153 4.96 5.09 10.35
CA ARG A 153 4.12 5.16 11.52
C ARG A 153 3.39 6.50 11.61
N SER A 154 4.14 7.59 11.41
CA SER A 154 3.57 8.93 11.50
C SER A 154 2.46 9.15 10.48
N ALA A 155 2.69 8.70 9.25
CA ALA A 155 1.68 8.86 8.21
C ALA A 155 0.43 8.03 8.52
N TYR A 156 0.63 6.75 8.86
CA TYR A 156 -0.51 5.91 9.21
C TYR A 156 -1.29 6.48 10.39
N GLN A 157 -0.56 7.02 11.38
CA GLN A 157 -1.20 7.50 12.59
C GLN A 157 -2.05 8.72 12.29
N GLU A 158 -1.53 9.63 11.46
CA GLU A 158 -2.33 10.80 11.10
C GLU A 158 -3.58 10.37 10.35
N ALA A 159 -3.42 9.41 9.43
CA ALA A 159 -4.55 8.88 8.69
C ALA A 159 -5.56 8.25 9.63
N MET A 160 -5.09 7.49 10.61
CA MET A 160 -5.95 6.84 11.58
C MET A 160 -6.75 7.87 12.36
N ASP A 161 -6.07 8.91 12.86
CA ASP A 161 -6.75 9.93 13.65
C ASP A 161 -7.88 10.58 12.86
N ILE A 162 -7.63 10.91 11.57
CA ILE A 162 -8.65 11.55 10.75
C ILE A 162 -9.79 10.58 10.50
N SER A 163 -9.45 9.33 10.17
CA SER A 163 -10.44 8.34 9.79
C SER A 163 -11.41 8.08 10.95
N LYS A 164 -10.87 8.03 12.18
CA LYS A 164 -11.73 7.80 13.34
C LYS A 164 -12.68 8.97 13.59
N LYS A 165 -12.19 10.19 13.39
CA LYS A 165 -13.02 11.38 13.53
C LYS A 165 -14.10 11.56 12.46
N GLU A 166 -13.76 11.23 11.21
CA GLU A 166 -14.53 11.70 10.07
C GLU A 166 -15.25 10.64 9.25
N MET A 167 -14.97 9.36 9.48
CA MET A 167 -15.53 8.27 8.69
C MET A 167 -16.18 7.23 9.58
N PRO A 168 -17.27 6.59 9.10
CA PRO A 168 -17.89 5.51 9.84
C PRO A 168 -16.96 4.31 9.86
N PRO A 169 -17.12 3.42 10.87
CA PRO A 169 -16.23 2.28 11.03
C PRO A 169 -16.23 1.29 9.88
N THR A 170 -17.27 1.34 9.02
CA THR A 170 -17.27 0.49 7.84
C THR A 170 -16.70 1.10 6.57
N ASN A 171 -16.28 2.38 6.63
CA ASN A 171 -15.80 3.04 5.42
C ASN A 171 -14.62 2.26 4.84
N PRO A 172 -14.67 1.78 3.58
CA PRO A 172 -13.59 0.94 3.06
C PRO A 172 -12.20 1.54 3.11
N ILE A 173 -12.10 2.86 3.00
CA ILE A 173 -10.82 3.54 3.09
C ILE A 173 -10.30 3.42 4.53
N ARG A 174 -11.18 3.71 5.48
CA ARG A 174 -10.84 3.53 6.88
C ARG A 174 -10.43 2.08 7.17
N LEU A 175 -11.20 1.12 6.66
CA LEU A 175 -10.89 -0.28 6.89
C LEU A 175 -9.55 -0.73 6.28
N GLY A 176 -9.30 -0.35 5.02
CA GLY A 176 -8.03 -0.67 4.39
C GLY A 176 -6.82 -0.01 5.04
N LEU A 177 -7.02 1.19 5.58
CA LEU A 177 -5.98 1.84 6.36
C LEU A 177 -5.66 1.01 7.61
N ALA A 178 -6.70 0.62 8.36
CA ALA A 178 -6.49 -0.18 9.56
C ALA A 178 -5.83 -1.53 9.25
N LEU A 179 -6.27 -2.20 8.17
CA LEU A 179 -5.63 -3.41 7.70
C LEU A 179 -4.13 -3.19 7.50
N ASN A 180 -3.78 -2.17 6.71
CA ASN A 180 -2.37 -1.96 6.41
C ASN A 180 -1.53 -1.53 7.59
N PHE A 181 -2.11 -0.69 8.47
CA PHE A 181 -1.41 -0.28 9.67
C PHE A 181 -1.19 -1.49 10.59
N SER A 182 -2.16 -2.41 10.65
CA SER A 182 -1.98 -3.63 11.42
C SER A 182 -0.86 -4.48 10.83
N VAL A 183 -0.78 -4.58 9.51
CA VAL A 183 0.36 -5.24 8.86
C VAL A 183 1.69 -4.56 9.20
N PHE A 184 1.71 -3.22 9.18
CA PHE A 184 2.88 -2.47 9.60
C PHE A 184 3.30 -2.89 11.01
N HIS A 185 2.32 -2.95 11.92
CA HIS A 185 2.69 -3.31 13.30
C HIS A 185 3.30 -4.71 13.34
N TYR A 186 2.71 -5.66 12.59
CA TYR A 186 3.13 -7.06 12.70
C TYR A 186 4.48 -7.29 12.03
N GLU A 187 4.63 -6.74 10.81
CA GLU A 187 5.75 -7.07 9.94
C GLU A 187 6.95 -6.12 10.03
N ILE A 188 6.69 -4.86 10.42
CA ILE A 188 7.69 -3.81 10.38
C ILE A 188 8.12 -3.39 11.77
N ALA A 189 7.12 -3.12 12.62
CA ALA A 189 7.36 -2.51 13.92
C ALA A 189 7.61 -3.49 15.09
N ASN A 190 7.68 -4.80 14.80
CA ASN A 190 7.88 -5.80 15.84
C ASN A 190 6.85 -5.69 16.96
N SER A 191 5.59 -5.40 16.57
CA SER A 191 4.51 -5.16 17.52
C SER A 191 3.31 -6.06 17.21
N PRO A 192 3.47 -7.40 17.27
CA PRO A 192 2.37 -8.29 16.92
C PRO A 192 1.12 -8.08 17.78
N GLU A 193 1.27 -7.76 19.06
CA GLU A 193 0.09 -7.56 19.88
C GLU A 193 -0.71 -6.34 19.43
N GLU A 194 -0.01 -5.26 19.06
CA GLU A 194 -0.68 -4.08 18.52
C GLU A 194 -1.42 -4.43 17.23
N ALA A 195 -0.74 -5.20 16.37
CA ALA A 195 -1.32 -5.63 15.12
C ALA A 195 -2.64 -6.37 15.34
N ILE A 196 -2.61 -7.34 16.23
CA ILE A 196 -3.76 -8.17 16.55
C ILE A 196 -4.89 -7.33 17.18
N SER A 197 -4.51 -6.49 18.15
CA SER A 197 -5.47 -5.61 18.80
C SER A 197 -6.17 -4.68 17.81
N LEU A 198 -5.38 -4.06 16.93
CA LEU A 198 -5.96 -3.19 15.93
C LEU A 198 -6.89 -3.95 14.99
N ALA A 199 -6.45 -5.12 14.51
CA ALA A 199 -7.28 -5.83 13.54
C ALA A 199 -8.60 -6.24 14.18
N LYS A 200 -8.55 -6.72 15.43
CA LYS A 200 -9.74 -7.16 16.16
C LYS A 200 -10.72 -6.02 16.42
N THR A 201 -10.21 -4.90 16.97
CA THR A 201 -11.07 -3.76 17.28
C THR A 201 -11.68 -3.20 15.98
N THR A 202 -10.89 -3.18 14.91
CA THR A 202 -11.40 -2.68 13.63
C THR A 202 -12.51 -3.59 13.12
N PHE A 203 -12.29 -4.91 13.18
CA PHE A 203 -13.29 -5.88 12.76
C PHE A 203 -14.59 -5.73 13.55
N ASP A 204 -14.47 -5.66 14.88
CA ASP A 204 -15.64 -5.63 15.73
C ASP A 204 -16.45 -4.35 15.57
N GLU A 205 -15.77 -3.21 15.43
CA GLU A 205 -16.46 -1.93 15.24
C GLU A 205 -17.11 -1.85 13.86
N ALA A 206 -16.50 -2.51 12.88
CA ALA A 206 -17.11 -2.55 11.56
C ALA A 206 -18.36 -3.45 11.57
N MET A 207 -18.26 -4.63 12.20
CA MET A 207 -19.39 -5.53 12.32
C MET A 207 -20.64 -4.81 12.83
N ALA A 208 -20.46 -3.98 13.88
CA ALA A 208 -21.55 -3.30 14.53
C ALA A 208 -22.14 -2.17 13.69
N ASP A 209 -21.48 -1.78 12.59
CA ASP A 209 -21.98 -0.74 11.71
C ASP A 209 -22.50 -1.25 10.37
N LEU A 210 -22.39 -2.56 10.12
CA LEU A 210 -22.87 -3.14 8.87
C LEU A 210 -24.36 -2.88 8.64
N HIS A 211 -25.14 -2.77 9.71
CA HIS A 211 -26.59 -2.65 9.61
C HIS A 211 -27.00 -1.38 8.85
N THR A 212 -26.08 -0.41 8.77
CA THR A 212 -26.41 0.88 8.20
C THR A 212 -26.27 0.87 6.70
N LEU A 213 -25.71 -0.22 6.15
CA LEU A 213 -25.19 -0.25 4.79
C LEU A 213 -26.16 -0.86 3.78
N SER A 214 -26.11 -0.32 2.57
CA SER A 214 -26.76 -0.91 1.41
C SER A 214 -26.05 -2.20 1.02
N GLU A 215 -26.73 -3.01 0.19
CA GLU A 215 -26.15 -4.24 -0.33
C GLU A 215 -24.74 -4.06 -0.89
N ASP A 216 -24.56 -3.05 -1.76
CA ASP A 216 -23.28 -2.80 -2.39
C ASP A 216 -22.20 -2.37 -1.41
N SER A 217 -22.54 -1.45 -0.49
CA SER A 217 -21.60 -0.99 0.50
C SER A 217 -21.21 -2.11 1.45
N TYR A 218 -22.22 -2.92 1.80
CA TYR A 218 -22.00 -4.11 2.62
C TYR A 218 -20.94 -5.03 2.03
N LYS A 219 -21.05 -5.32 0.72
CA LYS A 219 -20.08 -6.18 0.06
C LYS A 219 -18.67 -5.60 0.11
N ASP A 220 -18.52 -4.29 -0.11
CA ASP A 220 -17.24 -3.62 -0.05
C ASP A 220 -16.59 -3.69 1.32
N SER A 221 -17.38 -3.40 2.35
CA SER A 221 -16.90 -3.44 3.73
C SER A 221 -16.55 -4.86 4.19
N THR A 222 -17.42 -5.84 3.90
CA THR A 222 -17.16 -7.18 4.38
C THR A 222 -15.92 -7.81 3.75
N LEU A 223 -15.57 -7.38 2.53
CA LEU A 223 -14.34 -7.89 1.91
C LEU A 223 -13.12 -7.55 2.77
N ILE A 224 -13.03 -6.30 3.21
CA ILE A 224 -11.86 -5.90 3.99
C ILE A 224 -11.93 -6.54 5.36
N MET A 225 -13.14 -6.67 5.91
CA MET A 225 -13.31 -7.37 7.18
C MET A 225 -12.79 -8.80 7.09
N GLN A 226 -13.03 -9.45 5.95
CA GLN A 226 -12.58 -10.82 5.76
C GLN A 226 -11.06 -10.88 5.76
N LEU A 227 -10.42 -9.87 5.17
CA LEU A 227 -8.96 -9.79 5.15
C LEU A 227 -8.42 -9.57 6.56
N LEU A 228 -9.05 -8.67 7.34
CA LEU A 228 -8.68 -8.56 8.74
C LEU A 228 -8.78 -9.89 9.50
N ARG A 229 -9.87 -10.62 9.28
CA ARG A 229 -10.07 -11.89 9.96
C ARG A 229 -9.06 -12.93 9.49
N ASP A 230 -8.75 -12.95 8.18
CA ASP A 230 -7.77 -13.88 7.66
C ASP A 230 -6.42 -13.61 8.32
N ASN A 231 -6.04 -12.33 8.39
CA ASN A 231 -4.76 -11.98 9.02
C ASN A 231 -4.76 -12.41 10.48
N LEU A 232 -5.84 -12.10 11.20
CA LEU A 232 -5.93 -12.53 12.57
C LEU A 232 -5.77 -14.04 12.78
N THR A 233 -6.40 -14.82 11.91
CA THR A 233 -6.25 -16.27 11.92
C THR A 233 -4.81 -16.72 11.71
N LEU A 234 -4.09 -16.01 10.84
CA LEU A 234 -2.71 -16.34 10.55
C LEU A 234 -1.80 -16.00 11.74
N TRP A 235 -2.13 -14.91 12.42
CA TRP A 235 -1.29 -14.33 13.44
C TRP A 235 -1.56 -14.89 14.84
N THR A 236 -2.64 -15.67 14.97
CA THR A 236 -3.07 -16.18 16.27
C THR A 236 -3.29 -17.70 16.24
N ARG B 1 -13.54 -12.66 -4.70
CA ARG B 1 -13.12 -12.45 -3.30
C ARG B 1 -12.14 -13.53 -2.85
N ASP B 2 -12.41 -14.80 -3.21
CA ASP B 2 -11.52 -15.90 -2.88
C ASP B 2 -10.09 -15.62 -3.36
N LYS B 3 -9.97 -15.09 -4.59
CA LYS B 3 -8.66 -14.83 -5.15
C LYS B 3 -7.95 -13.71 -4.38
N ILE B 4 -8.71 -12.67 -4.00
CA ILE B 4 -8.13 -11.56 -3.27
C ILE B 4 -7.61 -12.07 -1.92
N ARG B 5 -8.44 -12.89 -1.25
CA ARG B 5 -8.09 -13.44 0.03
C ARG B 5 -6.88 -14.38 -0.06
N LEU B 6 -6.84 -15.19 -1.13
CA LEU B 6 -5.71 -16.08 -1.36
C LEU B 6 -4.40 -15.32 -1.59
N ASN B 7 -4.47 -14.28 -2.43
CA ASN B 7 -3.29 -13.48 -2.72
C ASN B 7 -2.77 -12.81 -1.45
N ASN B 8 -3.68 -12.26 -0.65
CA ASN B 8 -3.28 -11.63 0.60
C ASN B 8 -2.58 -12.62 1.54
N ALA B 9 -3.18 -13.82 1.68
CA ALA B 9 -2.64 -14.85 2.57
C ALA B 9 -1.22 -15.27 2.18
N ILE B 10 -0.97 -15.40 0.88
CA ILE B 10 0.36 -15.75 0.42
C ILE B 10 1.40 -14.70 0.84
N TRP B 11 1.07 -13.42 0.67
CA TRP B 11 1.98 -12.34 1.00
C TRP B 11 2.24 -12.27 2.49
N ARG B 12 1.18 -12.40 3.28
CA ARG B 12 1.34 -12.36 4.73
C ARG B 12 2.09 -13.57 5.27
N ALA B 13 1.78 -14.76 4.73
CA ALA B 13 2.45 -15.98 5.16
C ALA B 13 3.94 -15.95 4.90
N TRP B 14 4.36 -15.31 3.80
CA TRP B 14 5.78 -15.21 3.49
C TRP B 14 6.58 -14.61 4.64
N TYR B 15 6.03 -13.56 5.25
CA TYR B 15 6.73 -12.89 6.35
C TYR B 15 6.94 -13.86 7.52
N ILE B 16 5.87 -14.59 7.86
CA ILE B 16 5.88 -15.52 8.96
C ILE B 16 6.94 -16.60 8.70
N GLN B 17 6.97 -17.11 7.46
CA GLN B 17 7.90 -18.19 7.13
C GLN B 17 9.34 -17.70 7.04
N TYR B 18 9.55 -16.51 6.46
CA TYR B 18 10.83 -15.83 6.55
C TYR B 18 11.31 -15.79 8.01
N VAL B 19 10.35 -15.66 8.93
CA VAL B 19 10.56 -15.56 10.37
C VAL B 19 10.46 -14.06 10.64
MG MG C . -6.00 1.82 20.08
MG MG D . -5.30 20.64 -21.04
MG MG E . 20.67 -1.22 -1.20
C05 OQE F . 0.57 -5.54 -0.72
C06 OQE F . 0.36 -6.90 -1.00
C08 OQE F . -0.98 -8.67 -0.06
C09 OQE F . -2.32 -8.11 -0.48
C11 OQE F . -3.82 -6.17 -0.47
C12 OQE F . -4.98 -6.53 0.40
C13 OQE F . -6.22 -5.77 0.01
C14 OQE F . -7.10 -6.29 -0.93
C15 OQE F . -8.26 -5.60 -1.27
C16 OQE F . -8.56 -4.41 -0.65
C17 OQE F . -7.70 -3.88 0.29
C18 OQE F . -6.55 -4.56 0.62
C20 OQE F . 0.51 -7.40 -2.28
C21 OQE F . 0.89 -6.55 -3.30
C22 OQE F . 1.06 -5.20 -3.06
C23 OQE F . 0.91 -4.69 -1.77
N10 OQE F . -2.61 -6.86 -0.08
O01 OQE F . 1.66 -5.43 1.67
O03 OQE F . 0.43 -3.36 0.89
O04 OQE F . -0.86 -5.44 1.63
O07 OQE F . 0.05 -7.70 0.10
O19 OQE F . -3.09 -8.81 -1.14
P02 OQE F . 0.43 -4.89 0.97
#